data_3F6G
#
_entry.id   3F6G
#
_cell.length_a   61.315
_cell.length_b   97.943
_cell.length_c   39.974
_cell.angle_alpha   90.000
_cell.angle_beta   91.380
_cell.angle_gamma   90.000
#
_symmetry.space_group_name_H-M   'C 1 2 1'
#
loop_
_entity.id
_entity.type
_entity.pdbx_description
1 polymer 'Alpha-isopropylmalate synthase'
2 non-polymer 'ZINC ION'
3 non-polymer ISOLEUCINE
4 non-polymer 'SULFATE ION'
5 water water
#
_entity_poly.entity_id   1
_entity_poly.type   'polypeptide(L)'
_entity_poly.pdbx_seq_one_letter_code
;KVLTIKSCNIHSGIGIRPHAQIELEYQGKIHKEISEGDGGYDAFMNALTKITNRLGISIPKLIDYEVRIPPGGKTDALVE
TRITWNKSLDLEEDQTFKTMGVHPDQTVAAVHATEKMLNQILQPWQI
;
_entity_poly.pdbx_strand_id   B,A
#
loop_
_chem_comp.id
_chem_comp.type
_chem_comp.name
_chem_comp.formula
SO4 non-polymer 'SULFATE ION' 'O4 S -2'
ZN non-polymer 'ZINC ION' 'Zn 2'
#
# COMPACT_ATOMS: atom_id res chain seq x y z
N LYS A 1 22.27 -8.62 -11.59
CA LYS A 1 21.76 -7.85 -10.42
C LYS A 1 22.80 -7.90 -9.31
N VAL A 2 23.36 -6.73 -8.99
CA VAL A 2 24.39 -6.62 -7.95
C VAL A 2 23.84 -6.66 -6.53
N LEU A 3 22.77 -5.92 -6.27
CA LEU A 3 22.16 -5.89 -4.95
C LEU A 3 20.82 -6.62 -5.01
N THR A 4 20.61 -7.51 -4.04
CA THR A 4 19.37 -8.28 -3.98
C THR A 4 18.65 -8.13 -2.66
N ILE A 5 17.36 -7.84 -2.73
CA ILE A 5 16.54 -7.73 -1.53
C ILE A 5 15.94 -9.12 -1.35
N LYS A 6 16.55 -9.92 -0.49
CA LYS A 6 16.08 -11.28 -0.23
C LYS A 6 14.70 -11.36 0.37
N SER A 7 14.40 -10.48 1.31
CA SER A 7 13.08 -10.47 1.91
C SER A 7 12.79 -9.14 2.57
N CYS A 8 11.52 -8.93 2.90
CA CYS A 8 11.10 -7.72 3.58
C CYS A 8 9.66 -7.94 4.05
N ASN A 9 9.34 -7.41 5.22
CA ASN A 9 8.00 -7.57 5.78
C ASN A 9 7.53 -6.20 6.14
N ILE A 10 6.35 -5.83 5.65
CA ILE A 10 5.85 -4.51 5.94
C ILE A 10 4.52 -4.60 6.67
N HIS A 11 4.35 -3.73 7.66
CA HIS A 11 3.13 -3.77 8.47
C HIS A 11 2.59 -2.37 8.73
N SER A 12 1.32 -2.18 8.42
CA SER A 12 0.68 -0.90 8.64
C SER A 12 -0.78 -1.13 8.98
N GLY A 13 -1.53 -0.05 9.08
CA GLY A 13 -2.94 -0.15 9.39
C GLY A 13 -3.35 0.91 10.38
N ILE A 14 -4.62 0.90 10.73
CA ILE A 14 -5.14 1.86 11.69
C ILE A 14 -4.94 1.27 13.07
N GLY A 15 -4.28 2.02 13.95
CA GLY A 15 -4.02 1.55 15.30
C GLY A 15 -2.65 0.91 15.44
N ILE A 16 -1.92 0.88 14.33
CA ILE A 16 -0.59 0.30 14.29
C ILE A 16 0.45 1.34 13.87
N ARG A 17 1.66 1.21 14.39
CA ARG A 17 2.75 2.11 14.03
C ARG A 17 3.49 1.43 12.88
N PRO A 18 3.41 2.02 11.67
CA PRO A 18 4.06 1.45 10.49
C PRO A 18 5.50 1.01 10.70
N HIS A 19 5.81 -0.22 10.36
CA HIS A 19 7.20 -0.67 10.50
C HIS A 19 7.51 -1.63 9.37
N ALA A 20 8.79 -1.94 9.20
CA ALA A 20 9.19 -2.83 8.11
C ALA A 20 10.55 -3.46 8.38
N GLN A 21 10.74 -4.67 7.86
CA GLN A 21 12.00 -5.36 8.02
C GLN A 21 12.51 -5.60 6.62
N ILE A 22 13.82 -5.63 6.46
CA ILE A 22 14.43 -5.85 5.17
C ILE A 22 15.65 -6.72 5.34
N GLU A 23 15.93 -7.54 4.34
CA GLU A 23 17.08 -8.41 4.34
C GLU A 23 17.63 -8.31 2.93
N LEU A 24 18.83 -7.78 2.78
CA LEU A 24 19.41 -7.65 1.46
C LEU A 24 20.84 -8.18 1.39
N GLU A 25 21.22 -8.61 0.19
CA GLU A 25 22.52 -9.19 -0.06
C GLU A 25 23.33 -8.29 -0.98
N TYR A 26 24.50 -7.86 -0.53
CA TYR A 26 25.36 -7.00 -1.33
C TYR A 26 26.82 -7.35 -1.11
N GLN A 27 27.56 -7.53 -2.21
CA GLN A 27 28.98 -7.86 -2.17
C GLN A 27 29.33 -8.91 -1.13
N GLY A 28 28.61 -10.02 -1.11
CA GLY A 28 28.91 -11.07 -0.15
C GLY A 28 28.59 -10.78 1.30
N LYS A 29 27.63 -9.89 1.54
CA LYS A 29 27.23 -9.55 2.90
C LYS A 29 25.72 -9.52 3.01
N ILE A 30 25.21 -10.06 4.11
CA ILE A 30 23.77 -10.07 4.36
C ILE A 30 23.48 -8.97 5.37
N HIS A 31 22.54 -8.10 5.04
CA HIS A 31 22.17 -7.01 5.93
C HIS A 31 20.71 -7.15 6.33
N LYS A 32 20.44 -7.05 7.63
CA LYS A 32 19.08 -7.19 8.15
C LYS A 32 18.77 -6.00 9.03
N GLU A 33 17.67 -5.32 8.74
CA GLU A 33 17.30 -4.14 9.50
C GLU A 33 15.80 -3.98 9.70
N ILE A 34 15.43 -3.14 10.65
CA ILE A 34 14.04 -2.88 10.96
C ILE A 34 13.89 -1.40 11.28
N SER A 35 12.68 -0.88 11.09
CA SER A 35 12.43 0.51 11.39
C SER A 35 10.97 0.89 11.24
N GLU A 36 10.59 1.95 11.94
CA GLU A 36 9.23 2.46 11.85
C GLU A 36 9.29 3.59 10.83
N GLY A 37 8.12 4.06 10.40
CA GLY A 37 8.06 5.14 9.44
C GLY A 37 6.69 5.76 9.52
N ASP A 38 6.35 6.65 8.58
CA ASP A 38 5.04 7.27 8.57
C ASP A 38 4.09 6.37 7.80
N GLY A 39 4.69 5.50 6.99
CA GLY A 39 3.93 4.56 6.20
C GLY A 39 4.81 3.34 5.99
N GLY A 40 4.22 2.24 5.54
CA GLY A 40 4.98 1.03 5.32
C GLY A 40 6.20 1.26 4.44
N TYR A 41 5.99 1.84 3.27
CA TYR A 41 7.08 2.09 2.34
C TYR A 41 8.08 3.02 2.97
N ASP A 42 7.58 3.99 3.74
CA ASP A 42 8.45 4.94 4.41
C ASP A 42 9.30 4.22 5.45
N ALA A 43 8.70 3.24 6.14
CA ALA A 43 9.41 2.45 7.14
C ALA A 43 10.47 1.63 6.39
N PHE A 44 10.06 1.05 5.27
CA PHE A 44 10.97 0.24 4.47
C PHE A 44 12.21 1.05 4.05
N MET A 45 12.01 2.25 3.53
CA MET A 45 13.15 3.08 3.12
C MET A 45 13.98 3.55 4.32
N ASN A 46 13.36 3.73 5.48
CA ASN A 46 14.10 4.11 6.68
C ASN A 46 15.02 2.96 7.06
N ALA A 47 14.52 1.74 6.94
CA ALA A 47 15.32 0.59 7.29
C ALA A 47 16.43 0.42 6.23
N LEU A 48 16.09 0.69 4.97
CA LEU A 48 17.04 0.56 3.89
C LEU A 48 18.16 1.58 4.06
N THR A 49 17.78 2.79 4.47
CA THR A 49 18.71 3.88 4.66
C THR A 49 19.77 3.57 5.72
N LYS A 50 19.41 2.77 6.72
CA LYS A 50 20.39 2.42 7.74
C LYS A 50 21.48 1.57 7.08
N ILE A 51 21.08 0.73 6.15
CA ILE A 51 22.00 -0.15 5.46
C ILE A 51 22.89 0.67 4.53
N THR A 52 22.25 1.45 3.67
CA THR A 52 22.98 2.29 2.72
C THR A 52 23.95 3.20 3.44
N ASN A 53 23.53 3.78 4.56
CA ASN A 53 24.41 4.67 5.32
C ASN A 53 25.67 3.91 5.70
N ARG A 54 25.52 2.67 6.16
CA ARG A 54 26.66 1.86 6.55
C ARG A 54 27.57 1.59 5.36
N LEU A 55 26.98 1.46 4.17
CA LEU A 55 27.73 1.18 2.96
C LEU A 55 28.30 2.45 2.31
N GLY A 56 27.91 3.61 2.83
CA GLY A 56 28.41 4.85 2.26
C GLY A 56 27.66 5.24 1.02
N ILE A 57 26.48 4.65 0.86
CA ILE A 57 25.64 4.92 -0.29
C ILE A 57 24.52 5.91 0.07
N SER A 58 24.40 6.96 -0.74
CA SER A 58 23.36 7.97 -0.53
C SER A 58 22.19 7.61 -1.46
N ILE A 59 21.00 7.47 -0.90
CA ILE A 59 19.85 7.14 -1.74
C ILE A 59 19.27 8.37 -2.43
N PRO A 60 18.92 8.23 -3.72
CA PRO A 60 18.34 9.34 -4.49
C PRO A 60 17.05 9.78 -3.80
N LYS A 61 16.72 11.06 -3.92
CA LYS A 61 15.50 11.59 -3.32
C LYS A 61 14.32 11.15 -4.19
N LEU A 62 13.23 10.78 -3.53
CA LEU A 62 12.03 10.36 -4.24
C LEU A 62 11.25 11.63 -4.61
N ILE A 63 11.14 11.90 -5.91
CA ILE A 63 10.47 13.09 -6.40
C ILE A 63 9.01 12.87 -6.78
N ASP A 64 8.73 11.76 -7.46
CA ASP A 64 7.36 11.47 -7.85
C ASP A 64 7.07 9.98 -7.63
N TYR A 65 5.80 9.67 -7.37
CA TYR A 65 5.37 8.30 -7.10
C TYR A 65 4.07 8.02 -7.85
N GLU A 66 4.10 7.03 -8.74
CA GLU A 66 2.92 6.68 -9.53
C GLU A 66 2.49 5.24 -9.33
N VAL A 67 1.18 5.05 -9.21
CA VAL A 67 0.59 3.73 -9.01
C VAL A 67 -0.60 3.57 -9.94
N ARG A 68 -0.64 2.48 -10.68
CA ARG A 68 -1.74 2.23 -11.60
C ARG A 68 -2.07 0.75 -11.74
N ILE A 69 -3.35 0.46 -11.94
CA ILE A 69 -3.77 -0.91 -12.15
C ILE A 69 -4.29 -0.94 -13.58
N PRO A 70 -4.31 -2.12 -14.21
CA PRO A 70 -4.81 -2.21 -15.57
C PRO A 70 -6.30 -1.94 -15.67
N PRO A 71 -6.78 -1.51 -16.85
CA PRO A 71 -8.20 -1.22 -17.04
C PRO A 71 -9.06 -2.45 -16.69
N GLY A 72 -10.20 -2.20 -16.06
CA GLY A 72 -11.05 -3.30 -15.64
C GLY A 72 -10.59 -3.56 -14.23
N GLY A 73 -10.60 -2.51 -13.42
CA GLY A 73 -10.16 -2.60 -12.04
C GLY A 73 -10.85 -3.60 -11.13
N LYS A 74 -10.02 -4.29 -10.35
CA LYS A 74 -10.49 -5.27 -9.38
C LYS A 74 -9.57 -5.23 -8.15
N THR A 75 -10.13 -5.47 -6.98
CA THR A 75 -9.37 -5.43 -5.73
C THR A 75 -8.07 -6.25 -5.74
N ASP A 76 -8.02 -7.34 -6.50
CA ASP A 76 -6.83 -8.18 -6.56
C ASP A 76 -5.95 -7.86 -7.76
N ALA A 77 -6.17 -6.70 -8.36
CA ALA A 77 -5.42 -6.26 -9.55
C ALA A 77 -3.93 -6.06 -9.39
N LEU A 78 -3.18 -6.41 -10.43
CA LEU A 78 -1.74 -6.24 -10.45
C LEU A 78 -1.48 -4.75 -10.38
N VAL A 79 -0.43 -4.37 -9.66
CA VAL A 79 -0.10 -2.96 -9.53
C VAL A 79 1.19 -2.65 -10.27
N GLU A 80 1.18 -1.53 -10.97
CA GLU A 80 2.35 -1.10 -11.70
C GLU A 80 2.76 0.23 -11.08
N THR A 81 3.93 0.24 -10.44
CA THR A 81 4.42 1.44 -9.78
C THR A 81 5.66 2.01 -10.48
N ARG A 82 5.62 3.32 -10.71
CA ARG A 82 6.72 4.02 -11.36
C ARG A 82 7.18 5.09 -10.39
N ILE A 83 8.45 5.04 -9.99
CA ILE A 83 8.97 6.04 -9.07
C ILE A 83 10.01 6.89 -9.78
N THR A 84 10.01 8.18 -9.49
CA THR A 84 10.98 9.08 -10.10
C THR A 84 11.94 9.60 -9.04
N TRP A 85 13.24 9.44 -9.29
CA TRP A 85 14.25 9.89 -8.36
C TRP A 85 15.08 11.03 -8.91
N ASN A 86 15.86 11.64 -8.04
CA ASN A 86 16.74 12.73 -8.42
C ASN A 86 17.84 12.82 -7.38
N LYS A 87 19.05 13.08 -7.83
CA LYS A 87 20.20 13.18 -6.92
C LYS A 87 20.40 14.61 -6.44
N THR A 96 17.85 12.86 -12.81
CA THR A 96 16.44 12.48 -12.67
C THR A 96 16.08 11.33 -13.61
N PHE A 97 15.70 10.19 -13.03
CA PHE A 97 15.34 9.02 -13.83
C PHE A 97 14.12 8.30 -13.23
N LYS A 98 13.73 7.18 -13.84
CA LYS A 98 12.57 6.42 -13.35
C LYS A 98 12.78 4.91 -13.31
N THR A 99 12.17 4.28 -12.31
CA THR A 99 12.21 2.83 -12.18
C THR A 99 10.78 2.33 -12.01
N MET A 100 10.56 1.07 -12.37
CA MET A 100 9.23 0.48 -12.32
C MET A 100 9.15 -0.85 -11.58
N GLY A 101 7.97 -1.12 -11.03
CA GLY A 101 7.73 -2.36 -10.32
C GLY A 101 6.32 -2.84 -10.62
N VAL A 102 6.16 -4.15 -10.77
CA VAL A 102 4.86 -4.76 -11.04
C VAL A 102 4.62 -5.86 -10.02
N HIS A 103 3.51 -5.77 -9.29
CA HIS A 103 3.19 -6.77 -8.28
C HIS A 103 1.75 -6.64 -7.80
N PRO A 104 1.13 -7.75 -7.34
CA PRO A 104 -0.25 -7.72 -6.86
C PRO A 104 -0.37 -6.89 -5.56
N ASP A 105 0.72 -6.80 -4.80
CA ASP A 105 0.72 -6.00 -3.57
C ASP A 105 1.40 -4.68 -3.91
N GLN A 106 0.69 -3.56 -3.77
CA GLN A 106 1.33 -2.31 -4.16
C GLN A 106 2.55 -1.87 -3.37
N THR A 107 2.71 -2.33 -2.14
CA THR A 107 3.89 -1.92 -1.41
C THR A 107 5.08 -2.70 -1.98
N VAL A 108 4.85 -3.97 -2.31
CA VAL A 108 5.90 -4.80 -2.89
C VAL A 108 6.30 -4.26 -4.27
N ALA A 109 5.33 -3.70 -5.01
CA ALA A 109 5.65 -3.15 -6.32
C ALA A 109 6.64 -1.99 -6.17
N ALA A 110 6.47 -1.20 -5.11
CA ALA A 110 7.38 -0.08 -4.85
C ALA A 110 8.77 -0.60 -4.49
N VAL A 111 8.81 -1.61 -3.63
CA VAL A 111 10.08 -2.20 -3.20
C VAL A 111 10.85 -2.71 -4.43
N HIS A 112 10.13 -3.32 -5.38
CA HIS A 112 10.76 -3.83 -6.60
C HIS A 112 11.39 -2.72 -7.42
N ALA A 113 10.73 -1.57 -7.45
CA ALA A 113 11.22 -0.43 -8.18
C ALA A 113 12.41 0.13 -7.42
N THR A 114 12.35 0.08 -6.10
CA THR A 114 13.44 0.59 -5.29
C THR A 114 14.65 -0.32 -5.49
N GLU A 115 14.43 -1.61 -5.63
CA GLU A 115 15.55 -2.53 -5.85
C GLU A 115 16.20 -2.22 -7.19
N LYS A 116 15.37 -1.93 -8.19
CA LYS A 116 15.87 -1.60 -9.51
C LYS A 116 16.68 -0.31 -9.47
N MET A 117 16.16 0.70 -8.79
CA MET A 117 16.88 1.96 -8.68
C MET A 117 18.26 1.70 -8.05
N LEU A 118 18.28 0.89 -7.01
CA LEU A 118 19.50 0.57 -6.31
C LEU A 118 20.56 -0.08 -7.20
N ASN A 119 20.15 -1.07 -7.97
CA ASN A 119 21.08 -1.74 -8.84
C ASN A 119 21.58 -0.77 -9.91
N GLN A 120 20.71 0.12 -10.35
CA GLN A 120 21.09 1.09 -11.36
C GLN A 120 22.06 2.11 -10.81
N ILE A 121 21.97 2.38 -9.51
CA ILE A 121 22.85 3.34 -8.85
C ILE A 121 24.20 2.72 -8.48
N LEU A 122 24.20 1.41 -8.24
CA LEU A 122 25.43 0.74 -7.84
C LEU A 122 26.14 0.08 -9.03
N GLN A 123 26.19 0.79 -10.15
CA GLN A 123 26.85 0.28 -11.34
C GLN A 123 28.26 0.86 -11.47
N LYS B 1 -20.85 9.64 10.06
CA LYS B 1 -20.08 8.49 10.61
C LYS B 1 -20.98 7.44 11.26
N VAL B 2 -21.58 6.60 10.42
CA VAL B 2 -22.45 5.54 10.91
C VAL B 2 -21.67 4.23 10.92
N LEU B 3 -20.64 4.14 10.09
CA LEU B 3 -19.80 2.95 10.02
C LEU B 3 -18.35 3.39 10.21
N THR B 4 -17.69 2.80 11.19
CA THR B 4 -16.32 3.17 11.46
C THR B 4 -15.38 1.97 11.51
N ILE B 5 -14.22 2.14 10.91
CA ILE B 5 -13.21 1.09 10.93
C ILE B 5 -12.36 1.43 12.15
N LYS B 6 -12.65 0.80 13.28
CA LYS B 6 -11.92 1.04 14.51
C LYS B 6 -10.43 0.79 14.34
N SER B 7 -10.09 -0.32 13.70
CA SER B 7 -8.71 -0.64 13.45
C SER B 7 -8.57 -1.66 12.34
N CYS B 8 -7.34 -1.86 11.90
CA CYS B 8 -7.04 -2.85 10.88
C CYS B 8 -5.52 -3.03 10.85
N ASN B 9 -5.09 -4.23 10.52
CA ASN B 9 -3.67 -4.53 10.44
C ASN B 9 -3.43 -5.15 9.10
N ILE B 10 -2.54 -4.56 8.33
CA ILE B 10 -2.25 -5.10 7.01
C ILE B 10 -0.76 -5.48 6.91
N HIS B 11 -0.67 -6.79 6.29
CA HIS B 11 0.63 -7.44 6.18
C HIS B 11 1.02 -7.62 4.72
N SER B 12 2.34 -7.34 4.43
CA SER B 12 2.78 -7.77 3.10
C SER B 12 4.30 -7.73 3.00
N GLY B 13 4.80 -8.12 1.85
CA GLY B 13 6.23 -8.07 1.66
C GLY B 13 6.71 -9.23 0.82
N ILE B 14 8.00 -9.26 0.57
CA ILE B 14 8.62 -10.33 -0.21
C ILE B 14 8.81 -11.53 0.70
N GLY B 15 8.16 -12.63 0.34
CA GLY B 15 8.25 -13.84 1.14
C GLY B 15 7.10 -13.89 2.14
N ILE B 16 6.10 -13.05 1.90
CA ILE B 16 4.94 -12.98 2.76
C ILE B 16 3.64 -13.12 1.98
N ARG B 17 2.71 -13.90 2.53
CA ARG B 17 1.40 -14.10 1.92
C ARG B 17 0.62 -12.93 2.54
N PRO B 18 0.19 -11.95 1.72
CA PRO B 18 -0.53 -10.79 2.25
C PRO B 18 -1.80 -11.10 3.05
N HIS B 19 -2.00 -10.35 4.14
CA HIS B 19 -3.19 -10.54 4.95
C HIS B 19 -3.58 -9.29 5.70
N ALA B 20 -4.81 -9.26 6.18
CA ALA B 20 -5.29 -8.10 6.89
C ALA B 20 -6.39 -8.43 7.89
N GLN B 21 -6.39 -7.70 8.99
CA GLN B 21 -7.39 -7.84 10.04
C GLN B 21 -8.19 -6.56 9.98
N ILE B 22 -9.44 -6.65 10.42
CA ILE B 22 -10.32 -5.48 10.42
C ILE B 22 -11.21 -5.54 11.63
N GLU B 23 -11.52 -4.37 12.16
CA GLU B 23 -12.42 -4.26 13.29
C GLU B 23 -13.27 -3.04 12.97
N LEU B 24 -14.52 -3.26 12.61
CA LEU B 24 -15.41 -2.15 12.29
C LEU B 24 -16.65 -2.17 13.16
N GLU B 25 -17.11 -0.98 13.49
CA GLU B 25 -18.27 -0.81 14.35
C GLU B 25 -19.43 -0.28 13.52
N TYR B 26 -20.60 -0.87 13.73
CA TYR B 26 -21.80 -0.46 13.00
C TYR B 26 -23.01 -0.82 13.87
N GLN B 27 -23.82 0.19 14.16
CA GLN B 27 -25.01 0.02 14.98
C GLN B 27 -24.79 -0.73 16.29
N GLY B 28 -23.85 -0.23 17.10
CA GLY B 28 -23.57 -0.84 18.39
C GLY B 28 -23.04 -2.26 18.34
N LYS B 29 -22.62 -2.70 17.17
CA LYS B 29 -22.07 -4.04 17.01
C LYS B 29 -20.66 -3.89 16.45
N ILE B 30 -19.74 -4.72 16.93
CA ILE B 30 -18.36 -4.68 16.46
C ILE B 30 -18.04 -5.98 15.73
N HIS B 31 -17.49 -5.84 14.53
CA HIS B 31 -17.15 -7.01 13.73
C HIS B 31 -15.65 -7.11 13.51
N LYS B 32 -15.10 -8.27 13.82
CA LYS B 32 -13.67 -8.51 13.66
C LYS B 32 -13.49 -9.62 12.65
N GLU B 33 -12.64 -9.37 11.66
CA GLU B 33 -12.41 -10.37 10.62
C GLU B 33 -11.00 -10.35 10.06
N ILE B 34 -10.59 -11.48 9.49
CA ILE B 34 -9.28 -11.59 8.90
C ILE B 34 -9.35 -12.30 7.57
N SER B 35 -8.35 -12.09 6.72
CA SER B 35 -8.34 -12.75 5.43
C SER B 35 -7.02 -12.53 4.71
N GLU B 36 -6.71 -13.43 3.79
CA GLU B 36 -5.50 -13.29 3.01
C GLU B 36 -5.97 -12.66 1.71
N GLY B 37 -5.03 -12.23 0.88
CA GLY B 37 -5.37 -11.63 -0.40
C GLY B 37 -4.12 -11.65 -1.26
N ASP B 38 -4.21 -11.14 -2.49
CA ASP B 38 -3.02 -11.12 -3.35
C ASP B 38 -2.20 -9.88 -3.05
N GLY B 39 -2.78 -8.99 -2.26
CA GLY B 39 -2.10 -7.77 -1.89
C GLY B 39 -2.71 -7.33 -0.58
N GLY B 40 -2.05 -6.41 0.12
CA GLY B 40 -2.58 -5.93 1.39
C GLY B 40 -4.00 -5.41 1.30
N TYR B 41 -4.24 -4.47 0.39
CA TYR B 41 -5.56 -3.89 0.22
C TYR B 41 -6.55 -4.94 -0.20
N ASP B 42 -6.10 -5.85 -1.07
CA ASP B 42 -6.99 -6.91 -1.53
C ASP B 42 -7.39 -7.74 -0.33
N ALA B 43 -6.43 -8.05 0.54
CA ALA B 43 -6.70 -8.83 1.75
C ALA B 43 -7.68 -8.03 2.61
N PHE B 44 -7.47 -6.72 2.69
CA PHE B 44 -8.37 -5.89 3.50
C PHE B 44 -9.79 -5.92 2.94
N MET B 45 -9.92 -5.90 1.62
CA MET B 45 -11.24 -5.93 1.00
C MET B 45 -11.91 -7.27 1.17
N ASN B 46 -11.13 -8.35 1.14
CA ASN B 46 -11.66 -9.69 1.33
C ASN B 46 -12.21 -9.84 2.75
N ALA B 47 -11.54 -9.23 3.72
CA ALA B 47 -12.00 -9.34 5.10
C ALA B 47 -13.23 -8.47 5.27
N LEU B 48 -13.22 -7.31 4.61
CA LEU B 48 -14.33 -6.37 4.67
C LEU B 48 -15.61 -7.01 4.10
N THR B 49 -15.45 -7.73 2.99
CA THR B 49 -16.58 -8.37 2.32
C THR B 49 -17.32 -9.40 3.20
N LYS B 50 -16.58 -10.14 4.03
CA LYS B 50 -17.22 -11.11 4.90
C LYS B 50 -18.13 -10.34 5.88
N ILE B 51 -17.71 -9.14 6.25
CA ILE B 51 -18.50 -8.33 7.18
C ILE B 51 -19.74 -7.75 6.49
N THR B 52 -19.54 -7.07 5.37
CA THR B 52 -20.66 -6.47 4.66
C THR B 52 -21.70 -7.51 4.23
N ASN B 53 -21.26 -8.71 3.85
CA ASN B 53 -22.20 -9.76 3.47
C ASN B 53 -23.13 -10.03 4.65
N ARG B 54 -22.53 -10.16 5.84
CA ARG B 54 -23.27 -10.42 7.06
C ARG B 54 -24.29 -9.32 7.30
N LEU B 55 -23.87 -8.07 7.06
CA LEU B 55 -24.73 -6.91 7.26
C LEU B 55 -25.74 -6.75 6.13
N GLY B 56 -25.56 -7.50 5.04
CA GLY B 56 -26.48 -7.39 3.91
C GLY B 56 -26.14 -6.19 3.03
N ILE B 57 -24.92 -5.69 3.17
CA ILE B 57 -24.46 -4.54 2.39
C ILE B 57 -23.70 -5.01 1.17
N SER B 58 -24.03 -4.45 0.00
CA SER B 58 -23.33 -4.81 -1.22
C SER B 58 -22.24 -3.76 -1.50
N ILE B 59 -21.01 -4.22 -1.70
CA ILE B 59 -19.89 -3.33 -1.99
C ILE B 59 -19.81 -3.07 -3.49
N PRO B 60 -19.66 -1.79 -3.89
CA PRO B 60 -19.58 -1.44 -5.32
C PRO B 60 -18.33 -2.07 -5.92
N LYS B 61 -18.27 -2.15 -7.23
CA LYS B 61 -17.09 -2.71 -7.86
C LYS B 61 -16.07 -1.59 -7.98
N LEU B 62 -14.81 -1.93 -7.78
CA LEU B 62 -13.71 -0.99 -7.91
C LEU B 62 -13.47 -0.79 -9.41
N ILE B 63 -13.65 0.43 -9.90
CA ILE B 63 -13.47 0.73 -11.32
C ILE B 63 -12.14 1.37 -11.69
N ASP B 64 -11.63 2.22 -10.80
CA ASP B 64 -10.37 2.91 -11.03
C ASP B 64 -9.68 3.14 -9.67
N TYR B 65 -8.35 3.03 -9.67
CA TYR B 65 -7.55 3.22 -8.47
C TYR B 65 -6.42 4.19 -8.82
N GLU B 66 -6.40 5.35 -8.15
CA GLU B 66 -5.38 6.35 -8.43
C GLU B 66 -4.62 6.77 -7.17
N VAL B 67 -3.30 6.85 -7.29
CA VAL B 67 -2.46 7.26 -6.17
C VAL B 67 -1.51 8.36 -6.62
N ARG B 68 -1.42 9.44 -5.84
CA ARG B 68 -0.50 10.51 -6.17
C ARG B 68 0.09 11.16 -4.94
N ILE B 69 1.22 11.83 -5.13
CA ILE B 69 1.90 12.54 -4.04
C ILE B 69 2.31 13.89 -4.60
N PRO B 70 2.49 14.88 -3.72
CA PRO B 70 2.89 16.19 -4.20
C PRO B 70 4.33 16.10 -4.74
N PRO B 71 4.69 16.96 -5.70
CA PRO B 71 6.05 16.92 -6.26
C PRO B 71 7.13 17.08 -5.20
N GLY B 72 8.14 16.22 -5.27
CA GLY B 72 9.22 16.29 -4.29
C GLY B 72 8.78 15.90 -2.89
N GLY B 73 7.67 15.17 -2.82
CA GLY B 73 7.13 14.74 -1.53
C GLY B 73 8.05 13.87 -0.69
N LYS B 74 8.84 13.02 -1.34
CA LYS B 74 9.77 12.12 -0.64
C LYS B 74 9.10 10.89 -0.05
N THR B 75 9.93 10.06 0.59
CA THR B 75 9.49 8.80 1.18
C THR B 75 8.32 8.89 2.16
N ASP B 76 8.28 9.93 2.96
CA ASP B 76 7.22 10.09 3.95
C ASP B 76 6.08 10.98 3.42
N ALA B 77 5.98 11.10 2.10
CA ALA B 77 4.93 11.93 1.49
C ALA B 77 3.49 11.55 1.82
N LEU B 78 2.62 12.55 1.88
CA LEU B 78 1.21 12.30 2.11
C LEU B 78 0.73 11.69 0.79
N VAL B 79 -0.10 10.67 0.88
CA VAL B 79 -0.60 10.03 -0.32
C VAL B 79 -2.09 10.30 -0.51
N GLU B 80 -2.44 10.73 -1.72
CA GLU B 80 -3.83 10.98 -2.07
C GLU B 80 -4.26 9.78 -2.90
N THR B 81 -5.23 9.02 -2.39
CA THR B 81 -5.72 7.85 -3.12
C THR B 81 -7.17 8.08 -3.51
N ARG B 82 -7.43 8.01 -4.81
CA ARG B 82 -8.76 8.22 -5.33
C ARG B 82 -9.24 6.91 -5.91
N ILE B 83 -10.35 6.42 -5.38
CA ILE B 83 -10.92 5.17 -5.83
C ILE B 83 -12.25 5.43 -6.49
N THR B 84 -12.42 4.94 -7.71
CA THR B 84 -13.69 5.14 -8.40
C THR B 84 -14.51 3.88 -8.30
N TRP B 85 -15.77 4.04 -7.92
CA TRP B 85 -16.69 2.92 -7.74
C TRP B 85 -17.89 2.92 -8.68
N ASN B 86 -18.53 1.75 -8.79
CA ASN B 86 -19.71 1.60 -9.63
C ASN B 86 -20.63 0.54 -9.02
N LYS B 87 -21.85 0.96 -8.66
CA LYS B 87 -22.85 0.08 -8.05
C LYS B 87 -23.42 -1.01 -8.94
N SER B 88 -23.42 -0.78 -10.24
CA SER B 88 -23.95 -1.76 -11.17
C SER B 88 -22.83 -2.51 -11.86
N LEU B 91 -22.02 -3.01 -14.84
CA LEU B 91 -22.92 -1.97 -15.04
C LEU B 91 -22.18 -0.72 -15.51
N GLU B 92 -22.83 0.27 -16.12
CA GLU B 92 -22.23 1.41 -16.85
C GLU B 92 -22.44 2.70 -16.09
N GLU B 93 -22.12 3.82 -16.56
CA GLU B 93 -21.72 5.09 -15.99
C GLU B 93 -22.73 5.59 -14.97
N ASP B 94 -24.01 5.85 -15.14
CA ASP B 94 -24.88 6.56 -14.21
C ASP B 94 -24.70 6.40 -12.69
N GLN B 95 -24.05 5.33 -12.24
CA GLN B 95 -23.87 5.13 -10.79
C GLN B 95 -22.41 5.02 -10.39
N THR B 96 -21.59 5.80 -11.10
CA THR B 96 -20.16 5.80 -10.86
C THR B 96 -19.86 6.96 -9.94
N PHE B 97 -19.02 6.74 -8.95
CA PHE B 97 -18.66 7.79 -8.00
C PHE B 97 -17.28 7.50 -7.43
N LYS B 98 -16.67 8.55 -6.88
CA LYS B 98 -15.33 8.45 -6.30
C LYS B 98 -15.29 8.85 -4.85
N THR B 99 -14.36 8.26 -4.11
CA THR B 99 -14.14 8.62 -2.72
C THR B 99 -12.64 8.82 -2.66
N MET B 100 -12.19 9.60 -1.69
CA MET B 100 -10.77 9.89 -1.57
C MET B 100 -10.25 9.74 -0.16
N GLY B 101 -8.96 9.45 -0.06
CA GLY B 101 -8.32 9.31 1.23
C GLY B 101 -6.95 9.94 1.15
N VAL B 102 -6.51 10.57 2.24
CA VAL B 102 -5.19 11.20 2.28
C VAL B 102 -4.52 10.77 3.58
N HIS B 103 -3.34 10.19 3.48
CA HIS B 103 -2.65 9.71 4.68
C HIS B 103 -1.17 9.41 4.36
N PRO B 104 -0.30 9.45 5.38
CA PRO B 104 1.14 9.16 5.19
C PRO B 104 1.41 7.70 4.76
N ASP B 105 0.47 6.80 5.03
CA ASP B 105 0.61 5.41 4.62
C ASP B 105 -0.36 5.24 3.46
N GLN B 106 0.14 4.73 2.34
CA GLN B 106 -0.69 4.57 1.17
C GLN B 106 -1.81 3.55 1.33
N THR B 107 -1.62 2.56 2.20
CA THR B 107 -2.67 1.56 2.39
C THR B 107 -3.79 2.13 3.25
N VAL B 108 -3.43 2.90 4.27
CA VAL B 108 -4.42 3.52 5.13
C VAL B 108 -5.24 4.49 4.31
N ALA B 109 -4.59 5.19 3.38
CA ALA B 109 -5.28 6.15 2.53
C ALA B 109 -6.40 5.42 1.78
N ALA B 110 -6.10 4.22 1.31
CA ALA B 110 -7.08 3.40 0.58
C ALA B 110 -8.20 2.90 1.51
N VAL B 111 -7.85 2.60 2.76
CA VAL B 111 -8.83 2.12 3.73
C VAL B 111 -9.80 3.26 4.04
N HIS B 112 -9.27 4.48 4.10
CA HIS B 112 -10.07 5.67 4.38
C HIS B 112 -11.04 5.95 3.23
N ALA B 113 -10.57 5.84 2.00
CA ALA B 113 -11.41 6.08 0.83
C ALA B 113 -12.51 5.02 0.79
N THR B 114 -12.19 3.82 1.24
CA THR B 114 -13.15 2.73 1.27
C THR B 114 -14.18 2.95 2.37
N GLU B 115 -13.74 3.47 3.50
CA GLU B 115 -14.64 3.75 4.63
C GLU B 115 -15.61 4.85 4.23
N LYS B 116 -15.12 5.84 3.50
CA LYS B 116 -15.98 6.92 3.06
C LYS B 116 -17.04 6.31 2.16
N MET B 117 -16.61 5.47 1.23
CA MET B 117 -17.55 4.83 0.32
C MET B 117 -18.63 4.09 1.10
N LEU B 118 -18.23 3.34 2.12
CA LEU B 118 -19.17 2.57 2.92
C LEU B 118 -20.27 3.42 3.52
N ASN B 119 -19.91 4.57 4.09
CA ASN B 119 -20.86 5.48 4.69
C ASN B 119 -21.76 6.17 3.67
N GLN B 120 -21.20 6.51 2.50
CA GLN B 120 -22.00 7.16 1.47
C GLN B 120 -23.10 6.21 1.01
N ILE B 121 -22.75 4.93 0.97
CA ILE B 121 -23.70 3.90 0.57
C ILE B 121 -24.72 3.60 1.66
N LEU B 122 -24.31 3.75 2.91
CA LEU B 122 -25.19 3.50 4.04
C LEU B 122 -26.01 4.74 4.40
N GLN B 123 -25.41 5.91 4.17
CA GLN B 123 -26.07 7.18 4.48
C GLN B 123 -26.76 7.71 3.23
ZN ZN C . 5.17 -6.76 12.33
N ILE D . -4.08 -5.64 -5.59
CA ILE D . -3.59 -4.37 -5.03
C ILE D . -3.12 -4.58 -3.61
O ILE D . -3.76 -5.39 -2.90
CB ILE D . -4.72 -3.33 -5.06
CG1 ILE D . -5.22 -3.13 -6.50
CG2 ILE D . -4.25 -2.02 -4.44
CD1 ILE D . -6.34 -2.09 -6.54
OXT ILE D . -2.12 -3.93 -3.23
S SO4 E . 30.27 -3.70 1.66
O1 SO4 E . 29.45 -2.86 0.75
O2 SO4 E . 31.54 -3.01 1.93
O3 SO4 E . 29.55 -3.91 2.92
O4 SO4 E . 30.53 -5.00 1.02
S SO4 F . 9.18 3.13 -16.09
O1 SO4 F . 8.63 3.98 -15.02
O2 SO4 F . 10.56 2.70 -15.75
O3 SO4 F . 8.34 1.94 -16.28
O4 SO4 F . 9.20 3.90 -17.36
S SO4 G . 8.94 -6.13 -12.00
O1 SO4 G . 10.15 -5.76 -11.23
O2 SO4 G . 9.19 -7.35 -12.77
O3 SO4 G . 7.82 -6.35 -11.06
O4 SO4 G . 8.60 -5.03 -12.93
S SO4 H . -4.70 6.42 12.32
O1 SO4 H . -3.55 6.83 13.15
O2 SO4 H . -4.42 5.09 11.72
O3 SO4 H . -5.91 6.32 13.16
O4 SO4 H . -4.92 7.41 11.25
ZN ZN I . 0.10 -10.05 10.83
N ILE J . 4.55 7.89 2.47
CA ILE J . 3.99 6.88 1.57
C ILE J . 3.90 5.54 2.30
O ILE J . 4.89 5.21 2.99
CB ILE J . 4.91 6.74 0.35
CG1 ILE J . 5.16 8.11 -0.29
CG2 ILE J . 4.28 5.79 -0.66
CD1 ILE J . 6.09 8.00 -1.50
OXT ILE J . 2.86 4.87 2.15
S SO4 K . -14.17 -5.87 -7.26
O1 SO4 K . -13.33 -4.78 -7.78
O2 SO4 K . -15.22 -5.32 -6.39
O3 SO4 K . -14.81 -6.58 -8.40
O4 SO4 K . -13.33 -6.82 -6.51
S SO4 L . 7.04 -12.96 -2.65
O1 SO4 L . 6.92 -12.25 -3.94
O2 SO4 L . 6.35 -12.17 -1.60
O3 SO4 L . 6.43 -14.29 -2.73
O4 SO4 L . 8.47 -13.10 -2.29
S SO4 M . -9.19 12.15 4.67
O1 SO4 M . -9.05 12.91 3.42
O2 SO4 M . -8.48 12.84 5.76
O3 SO4 M . -10.62 12.04 5.01
O4 SO4 M . -8.62 10.80 4.51
S SO4 N . 5.20 19.91 -2.48
O1 SO4 N . 4.96 18.75 -3.35
O2 SO4 N . 4.22 20.97 -2.79
O3 SO4 N . 5.05 19.49 -1.07
O4 SO4 N . 6.57 20.42 -2.71
#